data_6IN1
#
_entry.id   6IN1
#
_cell.length_a   38.633
_cell.length_b   44.896
_cell.length_c   78.251
_cell.angle_alpha   90.00
_cell.angle_beta   90.00
_cell.angle_gamma   90.00
#
_symmetry.space_group_name_H-M   'P 21 21 21'
#
loop_
_entity.id
_entity.type
_entity.pdbx_description
1 polymer 'Bromodomain-containing protein 4'
2 non-polymer N-[(7S)-1,2,3,10-tetramethoxy-9-oxo-6,7-dihydro-5H-benzo[d]heptalen-7-yl]ethanamide
3 non-polymer 1,4,7,10,13,16-HEXAOXACYCLOOCTADECANE
4 non-polymer 'SODIUM ION'
5 water water
#
_entity_poly.entity_id   1
_entity_poly.type   'polypeptide(L)'
_entity_poly.pdbx_seq_one_letter_code
;MHHHHHHMSTNPPPPETSNPNKPKRQTNQLQYLLRVVLKTLWKHQFAWPFQQPVDAVKLNLPDYYKIIKTPMDMGTIKKR
LENNYYWNAQECIQDFNTMFTNCYIYNKPGDDIVLMAEALEKLFLQKINELPTEE
;
_entity_poly.pdbx_strand_id   A
#
# COMPACT_ATOMS: atom_id res chain seq x y z
N HIS A 6 -12.97 -27.87 10.35
CA HIS A 6 -12.69 -27.54 11.75
C HIS A 6 -11.96 -26.20 11.89
N HIS A 7 -10.73 -26.12 11.38
CA HIS A 7 -9.90 -24.93 11.51
C HIS A 7 -10.04 -24.09 10.25
N MET A 8 -10.63 -22.90 10.40
CA MET A 8 -10.85 -22.00 9.27
C MET A 8 -9.65 -21.07 9.09
N SER A 9 -9.24 -20.89 7.84
CA SER A 9 -8.33 -19.82 7.49
C SER A 9 -9.06 -18.49 7.63
N THR A 10 -8.35 -17.46 8.07
CA THR A 10 -8.91 -16.13 8.23
C THR A 10 -7.90 -15.10 7.76
N ASN A 11 -8.38 -13.93 7.54
CA ASN A 11 -7.52 -12.80 7.26
C ASN A 11 -7.11 -12.12 8.56
N PRO A 12 -5.92 -11.54 8.62
CA PRO A 12 -5.54 -10.76 9.79
C PRO A 12 -6.35 -9.47 9.82
N PRO A 13 -6.47 -8.83 10.97
CA PRO A 13 -7.04 -7.50 10.99
C PRO A 13 -6.26 -6.61 10.03
N PRO A 14 -6.93 -5.69 9.33
CA PRO A 14 -6.22 -4.80 8.44
C PRO A 14 -5.35 -3.85 9.23
N PRO A 15 -4.36 -3.22 8.59
CA PRO A 15 -3.54 -2.25 9.31
C PRO A 15 -4.39 -1.11 9.83
N GLU A 16 -3.94 -0.51 10.93
CA GLU A 16 -4.63 0.61 11.56
C GLU A 16 -4.70 1.78 10.58
N THR A 17 -5.93 2.28 10.34
CA THR A 17 -6.10 3.55 9.61
C THR A 17 -6.51 4.75 10.45
N SER A 18 -6.81 4.57 11.73
CA SER A 18 -7.29 5.66 12.56
C SER A 18 -6.69 5.47 13.94
N ASN A 19 -6.02 6.50 14.44
CA ASN A 19 -5.52 6.54 15.81
C ASN A 19 -5.47 7.99 16.30
N PRO A 20 -6.55 8.49 16.92
CA PRO A 20 -6.51 9.88 17.44
C PRO A 20 -5.28 10.24 18.26
N ASN A 21 -4.67 9.28 18.95
CA ASN A 21 -3.49 9.55 19.77
C ASN A 21 -2.17 9.49 19.00
N LYS A 22 -2.19 9.09 17.75
CA LYS A 22 -0.95 9.09 16.98
C LYS A 22 -0.62 10.52 16.54
N PRO A 23 0.64 10.92 16.63
CA PRO A 23 1.02 12.25 16.10
C PRO A 23 0.78 12.32 14.60
N LYS A 24 0.17 13.42 14.16
CA LYS A 24 -0.22 13.58 12.77
C LYS A 24 -0.09 15.03 12.36
N ARG A 25 0.16 15.25 11.06
CA ARG A 25 0.24 16.58 10.51
C ARG A 25 -0.35 16.59 9.12
N GLN A 26 -0.81 17.77 8.71
CA GLN A 26 -1.13 18.03 7.31
C GLN A 26 0.01 18.86 6.75
N THR A 27 0.78 18.27 5.85
CA THR A 27 1.90 18.96 5.21
C THR A 27 1.64 19.02 3.71
N ASN A 28 2.33 19.97 3.07
CA ASN A 28 2.27 20.05 1.61
C ASN A 28 2.64 18.72 0.96
N GLN A 29 3.66 18.04 1.49
CA GLN A 29 4.05 16.76 0.91
C GLN A 29 2.96 15.71 1.08
N LEU A 30 2.31 15.67 2.24
CA LEU A 30 1.24 14.69 2.39
C LEU A 30 0.03 15.02 1.52
N GLN A 31 -0.23 16.30 1.29
CA GLN A 31 -1.31 16.68 0.37
C GLN A 31 -0.98 16.23 -1.05
N TYR A 32 0.27 16.40 -1.47
CA TYR A 32 0.70 15.92 -2.78
C TYR A 32 0.59 14.40 -2.86
N LEU A 33 0.94 13.70 -1.78
CA LEU A 33 0.87 12.24 -1.80
C LEU A 33 -0.56 11.76 -2.02
N LEU A 34 -1.55 12.48 -1.47
CA LEU A 34 -2.94 12.14 -1.72
C LEU A 34 -3.43 12.61 -3.09
N ARG A 35 -3.23 13.89 -3.42
CA ARG A 35 -3.87 14.46 -4.60
C ARG A 35 -3.16 14.09 -5.89
N VAL A 36 -1.87 13.80 -5.83
CA VAL A 36 -1.08 13.43 -7.01
C VAL A 36 -0.70 11.95 -6.99
N VAL A 37 0.06 11.53 -5.98
CA VAL A 37 0.64 10.18 -6.01
C VAL A 37 -0.46 9.12 -5.88
N LEU A 38 -1.23 9.16 -4.80
CA LEU A 38 -2.25 8.12 -4.62
C LEU A 38 -3.28 8.18 -5.72
N LYS A 39 -3.72 9.39 -6.07
CA LYS A 39 -4.74 9.54 -7.11
C LYS A 39 -4.29 8.90 -8.43
N THR A 40 -3.03 9.10 -8.80
CA THR A 40 -2.53 8.56 -10.06
C THR A 40 -2.49 7.03 -10.03
N LEU A 41 -1.93 6.45 -8.97
CA LEU A 41 -1.83 5.01 -8.90
C LEU A 41 -3.20 4.36 -8.77
N TRP A 42 -4.10 4.98 -8.00
CA TRP A 42 -5.42 4.40 -7.73
C TRP A 42 -6.22 4.21 -9.02
N LYS A 43 -6.07 5.13 -9.98
CA LYS A 43 -6.84 5.10 -11.22
C LYS A 43 -6.16 4.24 -12.29
N HIS A 44 -4.96 3.74 -12.02
CA HIS A 44 -4.19 3.02 -13.02
C HIS A 44 -4.85 1.69 -13.34
N GLN A 45 -4.68 1.25 -14.59
CA GLN A 45 -5.27 0.00 -15.05
C GLN A 45 -4.81 -1.21 -14.23
N PHE A 46 -3.65 -1.14 -13.59
CA PHE A 46 -3.10 -2.20 -12.76
C PHE A 46 -3.40 -2.04 -11.27
N ALA A 47 -4.21 -1.05 -10.88
CA ALA A 47 -4.40 -0.76 -9.46
C ALA A 47 -5.20 -1.84 -8.73
N TRP A 48 -6.09 -2.54 -9.44
CA TRP A 48 -7.12 -3.35 -8.77
C TRP A 48 -6.60 -4.36 -7.75
N PRO A 49 -5.50 -5.09 -7.94
CA PRO A 49 -5.08 -6.04 -6.89
C PRO A 49 -4.61 -5.34 -5.64
N PHE A 50 -4.25 -4.07 -5.75
CA PHE A 50 -3.64 -3.28 -4.69
C PHE A 50 -4.59 -2.34 -3.98
N GLN A 51 -5.88 -2.34 -4.34
CA GLN A 51 -6.84 -1.38 -3.81
C GLN A 51 -7.43 -1.78 -2.48
N GLN A 52 -6.96 -2.86 -1.88
CA GLN A 52 -7.54 -3.40 -0.65
C GLN A 52 -6.59 -4.49 -0.14
N PRO A 53 -6.64 -4.80 1.15
CA PRO A 53 -5.77 -5.84 1.70
C PRO A 53 -5.93 -7.13 0.89
N VAL A 54 -4.81 -7.86 0.76
CA VAL A 54 -4.89 -9.18 0.15
C VAL A 54 -5.88 -10.01 0.94
N ASP A 55 -6.87 -10.56 0.26
CA ASP A 55 -7.89 -11.33 0.96
C ASP A 55 -7.45 -12.77 0.73
N ALA A 56 -6.82 -13.34 1.75
CA ALA A 56 -6.21 -14.65 1.57
C ALA A 56 -7.27 -15.72 1.64
N VAL A 57 -8.37 -15.44 2.33
CA VAL A 57 -9.51 -16.36 2.35
C VAL A 57 -10.14 -16.44 0.96
N LYS A 58 -10.52 -15.30 0.40
CA LYS A 58 -11.18 -15.30 -0.90
C LYS A 58 -10.29 -15.85 -2.00
N LEU A 59 -9.00 -15.47 -1.99
CA LEU A 59 -8.06 -15.79 -3.05
C LEU A 59 -7.35 -17.12 -2.83
N ASN A 60 -7.73 -17.87 -1.79
CA ASN A 60 -7.18 -19.20 -1.52
C ASN A 60 -5.66 -19.17 -1.40
N LEU A 61 -5.17 -18.26 -0.54
CA LEU A 61 -3.74 -18.08 -0.29
C LEU A 61 -3.47 -18.28 1.20
N PRO A 62 -3.61 -19.52 1.68
CA PRO A 62 -3.39 -19.75 3.12
C PRO A 62 -1.97 -19.44 3.58
N ASP A 63 -1.00 -19.37 2.66
CA ASP A 63 0.37 -19.07 3.05
C ASP A 63 0.72 -17.58 3.01
N TYR A 64 -0.17 -16.72 2.50
CA TYR A 64 0.24 -15.34 2.23
C TYR A 64 0.70 -14.64 3.50
N TYR A 65 -0.08 -14.74 4.57
CA TYR A 65 0.25 -14.03 5.80
C TYR A 65 1.22 -14.79 6.69
N LYS A 66 1.67 -15.97 6.25
CA LYS A 66 2.84 -16.58 6.86
C LYS A 66 4.12 -15.96 6.30
N ILE A 67 4.10 -15.62 5.01
CA ILE A 67 5.25 -15.00 4.35
C ILE A 67 5.30 -13.49 4.57
N ILE A 68 4.15 -12.82 4.48
CA ILE A 68 4.09 -11.36 4.51
C ILE A 68 3.62 -10.96 5.91
N LYS A 69 4.57 -10.45 6.71
CA LYS A 69 4.30 -10.08 8.09
CA LYS A 69 4.30 -10.08 8.09
C LYS A 69 3.97 -8.60 8.27
N THR A 70 4.18 -7.77 7.26
CA THR A 70 3.86 -6.35 7.31
CA THR A 70 3.84 -6.35 7.32
C THR A 70 2.99 -6.03 6.10
N PRO A 71 1.72 -6.44 6.12
CA PRO A 71 0.84 -6.19 4.98
C PRO A 71 0.64 -4.71 4.74
N MET A 72 0.50 -4.34 3.47
CA MET A 72 0.11 -2.97 3.13
C MET A 72 -0.54 -2.97 1.76
N ASP A 73 -1.41 -1.99 1.54
CA ASP A 73 -2.18 -1.90 0.32
C ASP A 73 -2.64 -0.46 0.15
N MET A 74 -3.08 -0.11 -1.07
CA MET A 74 -3.46 1.28 -1.36
C MET A 74 -4.78 1.68 -0.73
N GLY A 75 -5.67 0.71 -0.47
CA GLY A 75 -6.88 1.05 0.26
C GLY A 75 -6.58 1.56 1.65
N THR A 76 -5.66 0.87 2.33
CA THR A 76 -5.19 1.32 3.64
C THR A 76 -4.50 2.67 3.54
N ILE A 77 -3.63 2.84 2.55
CA ILE A 77 -2.92 4.11 2.38
C ILE A 77 -3.91 5.25 2.12
N LYS A 78 -4.90 5.01 1.26
CA LYS A 78 -5.90 6.02 0.95
C LYS A 78 -6.65 6.43 2.21
N LYS A 79 -7.07 5.45 3.02
CA LYS A 79 -7.74 5.78 4.28
C LYS A 79 -6.83 6.54 5.22
N ARG A 80 -5.55 6.12 5.31
CA ARG A 80 -4.60 6.85 6.15
C ARG A 80 -4.47 8.31 5.73
N LEU A 81 -4.34 8.55 4.42
CA LEU A 81 -4.22 9.92 3.92
C LEU A 81 -5.50 10.71 4.15
N GLU A 82 -6.66 10.11 3.88
CA GLU A 82 -7.93 10.80 4.10
C GLU A 82 -8.17 11.07 5.58
N ASN A 83 -7.72 10.20 6.46
CA ASN A 83 -7.90 10.34 7.89
C ASN A 83 -6.81 11.19 8.54
N ASN A 84 -5.87 11.72 7.75
CA ASN A 84 -4.72 12.47 8.28
C ASN A 84 -3.99 11.65 9.34
N TYR A 85 -3.68 10.41 8.97
CA TYR A 85 -3.06 9.47 9.88
C TYR A 85 -1.57 9.71 10.03
N TYR A 86 -0.92 10.32 9.05
CA TYR A 86 0.53 10.35 8.97
C TYR A 86 1.11 11.59 9.61
N TRP A 87 2.30 11.42 10.21
CA TRP A 87 3.11 12.54 10.68
C TRP A 87 3.88 13.20 9.54
N ASN A 88 4.39 12.41 8.59
CA ASN A 88 5.19 12.98 7.51
C ASN A 88 5.06 12.14 6.25
N ALA A 89 5.53 12.74 5.15
CA ALA A 89 5.52 12.03 3.87
C ALA A 89 6.28 10.72 3.94
N GLN A 90 7.39 10.68 4.69
CA GLN A 90 8.20 9.48 4.76
C GLN A 90 7.39 8.27 5.25
N GLU A 91 6.53 8.48 6.25
CA GLU A 91 5.71 7.37 6.73
C GLU A 91 4.83 6.82 5.62
N CYS A 92 4.28 7.70 4.79
CA CYS A 92 3.43 7.26 3.68
C CYS A 92 4.24 6.60 2.58
N ILE A 93 5.37 7.19 2.22
CA ILE A 93 6.28 6.57 1.25
C ILE A 93 6.67 5.16 1.69
N GLN A 94 6.91 4.97 2.99
CA GLN A 94 7.27 3.66 3.49
C GLN A 94 6.14 2.66 3.27
N ASP A 95 4.89 3.10 3.43
CA ASP A 95 3.75 2.20 3.16
C ASP A 95 3.71 1.77 1.69
N PHE A 96 3.91 2.72 0.75
CA PHE A 96 3.98 2.32 -0.66
C PHE A 96 5.10 1.32 -0.88
N ASN A 97 6.29 1.60 -0.33
CA ASN A 97 7.43 0.70 -0.51
C ASN A 97 7.15 -0.69 0.07
N THR A 98 6.50 -0.74 1.24
CA THR A 98 6.12 -2.03 1.83
C THR A 98 5.18 -2.80 0.90
N MET A 99 4.18 -2.12 0.35
CA MET A 99 3.24 -2.76 -0.56
C MET A 99 3.94 -3.37 -1.77
N PHE A 100 4.80 -2.58 -2.43
CA PHE A 100 5.50 -3.11 -3.59
C PHE A 100 6.40 -4.28 -3.20
N THR A 101 7.17 -4.10 -2.11
CA THR A 101 8.12 -5.11 -1.70
C THR A 101 7.41 -6.41 -1.29
N ASN A 102 6.27 -6.31 -0.61
CA ASN A 102 5.52 -7.52 -0.29
C ASN A 102 5.20 -8.31 -1.55
N CYS A 103 4.77 -7.62 -2.60
CA CYS A 103 4.42 -8.29 -3.85
C CYS A 103 5.64 -8.99 -4.45
N TYR A 104 6.80 -8.31 -4.47
CA TYR A 104 8.01 -8.92 -5.02
C TYR A 104 8.44 -10.12 -4.18
N ILE A 105 8.33 -10.02 -2.85
CA ILE A 105 8.71 -11.12 -1.97
C ILE A 105 7.81 -12.32 -2.18
N TYR A 106 6.49 -12.10 -2.17
CA TYR A 106 5.58 -13.24 -2.17
C TYR A 106 5.59 -13.97 -3.50
N ASN A 107 5.70 -13.24 -4.60
CA ASN A 107 5.57 -13.79 -5.93
C ASN A 107 6.95 -14.08 -6.54
N LYS A 108 6.96 -14.41 -7.84
CA LYS A 108 8.19 -14.69 -8.56
C LYS A 108 8.44 -13.60 -9.58
N PRO A 109 9.70 -13.37 -9.96
CA PRO A 109 10.00 -12.22 -10.84
C PRO A 109 9.23 -12.20 -12.15
N GLY A 110 8.92 -13.35 -12.74
CA GLY A 110 8.21 -13.31 -14.00
C GLY A 110 6.70 -13.15 -13.94
N ASP A 111 6.11 -13.01 -12.75
CA ASP A 111 4.66 -13.09 -12.61
C ASP A 111 3.96 -11.82 -13.10
N ASP A 112 2.75 -12.00 -13.62
CA ASP A 112 1.90 -10.87 -14.01
C ASP A 112 1.74 -9.86 -12.88
N ILE A 113 1.45 -10.33 -11.66
CA ILE A 113 1.24 -9.42 -10.54
C ILE A 113 2.47 -8.58 -10.26
N VAL A 114 3.66 -9.16 -10.50
CA VAL A 114 4.91 -8.43 -10.31
C VAL A 114 5.07 -7.38 -11.40
N LEU A 115 4.76 -7.73 -12.65
CA LEU A 115 4.74 -6.74 -13.71
C LEU A 115 3.82 -5.58 -13.36
N MET A 116 2.66 -5.89 -12.77
CA MET A 116 1.71 -4.84 -12.39
C MET A 116 2.31 -3.93 -11.31
N ALA A 117 2.85 -4.53 -10.24
CA ALA A 117 3.50 -3.75 -9.19
C ALA A 117 4.63 -2.88 -9.75
N GLU A 118 5.45 -3.45 -10.65
CA GLU A 118 6.56 -2.68 -11.20
C GLU A 118 6.08 -1.45 -11.97
N ALA A 119 4.97 -1.59 -12.70
CA ALA A 119 4.45 -0.44 -13.43
C ALA A 119 3.94 0.63 -12.47
N LEU A 120 3.22 0.21 -11.41
CA LEU A 120 2.78 1.18 -10.43
C LEU A 120 3.96 1.82 -9.71
N GLU A 121 4.99 1.03 -9.39
CA GLU A 121 6.18 1.57 -8.71
CA GLU A 121 6.15 1.60 -8.70
C GLU A 121 6.88 2.61 -9.57
N LYS A 122 7.00 2.34 -10.88
CA LYS A 122 7.64 3.30 -11.77
C LYS A 122 6.91 4.64 -11.74
N LEU A 123 5.57 4.60 -11.81
CA LEU A 123 4.78 5.82 -11.74
C LEU A 123 4.95 6.50 -10.38
N PHE A 124 4.94 5.71 -9.31
CA PHE A 124 5.14 6.24 -7.97
C PHE A 124 6.46 7.01 -7.89
N LEU A 125 7.56 6.40 -8.34
CA LEU A 125 8.85 7.05 -8.29
C LEU A 125 8.88 8.31 -9.14
N GLN A 126 8.21 8.28 -10.30
CA GLN A 126 8.17 9.48 -11.14
C GLN A 126 7.48 10.63 -10.42
N LYS A 127 6.43 10.33 -9.66
CA LYS A 127 5.72 11.37 -8.92
C LYS A 127 6.48 11.85 -7.69
N ILE A 128 7.06 10.92 -6.91
CA ILE A 128 7.77 11.38 -5.71
C ILE A 128 9.07 12.11 -6.05
N ASN A 129 9.57 11.99 -7.29
CA ASN A 129 10.69 12.83 -7.70
C ASN A 129 10.36 14.32 -7.57
N GLU A 130 9.08 14.67 -7.71
CA GLU A 130 8.56 16.02 -7.62
C GLU A 130 7.92 16.39 -6.29
N LEU A 131 8.07 15.56 -5.27
CA LEU A 131 7.53 15.86 -3.95
C LEU A 131 7.89 17.30 -3.57
N PRO A 132 6.92 18.12 -3.12
CA PRO A 132 7.21 19.53 -2.84
C PRO A 132 8.09 19.74 -1.62
N THR A 133 8.36 21.02 -1.32
CA THR A 133 9.24 21.43 -0.23
C THR A 133 10.67 20.94 -0.46
#